data_5A2M
#
_entry.id   5A2M
#
_cell.length_a   70.114
_cell.length_b   71.242
_cell.length_c   72.368
_cell.angle_alpha   90.00
_cell.angle_beta   100.13
_cell.angle_gamma   90.00
#
_symmetry.space_group_name_H-M   'C 1 2 1'
#
loop_
_entity.id
_entity.type
_entity.pdbx_description
1 polymer 'THROMBIN HEAVY CHAIN'
2 polymer 'HIRUDIN VARIANT-2'
3 polymer 'THROMBIN LIGHT CHAIN'
4 non-polymer GLYCEROL
5 non-polymer 'SODIUM ION'
6 non-polymer (2S)-1-[(2R)-5-carbamimidamido-2-[(phenylmethyl)sulfonylamino]pentanoyl]-N-[[5-chloranyl-2-(hydroxymethyl)phenyl]methyl]pyrrolidine-2-carboxamide
7 non-polymer 2-acetamido-2-deoxy-beta-D-glucopyranose
8 water water
#
loop_
_entity_poly.entity_id
_entity_poly.type
_entity_poly.pdbx_seq_one_letter_code
_entity_poly.pdbx_strand_id
1 'polypeptide(L)'
;IVEGSDAEIGMSPWQVMLFRKSPQELLCGASLISDRWVLTAAHCLLYPPWDKNFTENDLLVRIGKHSRTRYERNIEKISM
LEKIYIHPRYNWRENLDRDIALMKLKKPVAFSDYIHPVCLPDRETAASLLQAGYKGRVTGWGNLKETWTANVGKGQPSVL
QVVNLPIVERPVCKDSTRIRITDNMFCAGYKPDEGKRGDACEGDSGGPFVMKSPFNNRWYQMGIVSWGEGCDRDGKYGFY
THVFRLKKWIQKVIDQFG
;
H
2 'polypeptide(L)' GDFEEIPEE(TYS)LQ I
3 'polypeptide(L)' EADCGLRPLFEKKSLEDKTERELLESYID L
#
# COMPACT_ATOMS: atom_id res chain seq x y z
N ILE A 1 10.66 1.64 3.32
CA ILE A 1 11.05 1.39 1.94
C ILE A 1 12.56 1.49 1.82
N VAL A 2 13.17 0.45 1.25
CA VAL A 2 14.61 0.40 1.07
C VAL A 2 14.96 0.77 -0.36
N GLU A 3 15.94 1.65 -0.52
CA GLU A 3 16.44 2.06 -1.83
C GLU A 3 15.39 2.75 -2.70
N GLY A 4 14.49 3.46 -2.03
CA GLY A 4 13.53 4.32 -2.71
C GLY A 4 13.95 5.77 -2.67
N SER A 5 12.98 6.65 -2.88
N SER A 5 12.97 6.65 -2.89
CA SER A 5 13.22 8.08 -2.82
CA SER A 5 13.20 8.09 -2.88
C SER A 5 12.05 8.80 -2.19
C SER A 5 12.05 8.80 -2.17
N ASP A 6 12.25 10.07 -1.83
CA ASP A 6 11.18 10.88 -1.28
C ASP A 6 10.06 11.01 -2.30
N ALA A 7 8.83 10.81 -1.84
CA ALA A 7 7.66 11.07 -2.66
C ALA A 7 7.56 12.54 -3.00
N GLU A 8 6.99 12.83 -4.16
CA GLU A 8 6.57 14.19 -4.47
C GLU A 8 5.31 14.52 -3.71
N ILE A 9 5.06 15.80 -3.50
CA ILE A 9 3.84 16.23 -2.87
C ILE A 9 2.64 15.80 -3.71
N GLY A 10 1.69 15.15 -3.08
CA GLY A 10 0.48 14.71 -3.75
C GLY A 10 0.66 13.53 -4.69
N MET A 11 1.81 12.85 -4.60
CA MET A 11 2.11 11.74 -5.51
C MET A 11 1.28 10.49 -5.26
N SER A 12 0.88 10.31 -4.00
N SER A 12 0.93 10.27 -3.98
CA SER A 12 0.18 9.09 -3.56
CA SER A 12 0.17 9.10 -3.56
C SER A 12 -0.94 9.52 -2.60
C SER A 12 -0.92 9.55 -2.60
N PRO A 13 -1.95 10.23 -3.14
CA PRO A 13 -2.92 10.87 -2.23
C PRO A 13 -3.91 9.90 -1.57
N TRP A 14 -3.80 8.64 -1.97
CA TRP A 14 -4.52 7.55 -1.34
C TRP A 14 -3.75 6.90 -0.19
N GLN A 15 -2.50 7.32 0.04
N GLN A 15 -2.53 7.37 0.06
CA GLN A 15 -1.70 6.69 1.09
CA GLN A 15 -1.72 6.84 1.14
C GLN A 15 -2.25 7.05 2.46
C GLN A 15 -2.39 7.07 2.47
N VAL A 16 -2.41 6.04 3.31
CA VAL A 16 -2.92 6.19 4.66
C VAL A 16 -1.87 5.70 5.64
N MET A 17 -1.74 6.39 6.77
CA MET A 17 -0.95 5.90 7.89
C MET A 17 -1.87 5.36 8.95
N LEU A 18 -1.62 4.12 9.37
CA LEU A 18 -2.27 3.56 10.54
C LEU A 18 -1.41 3.91 11.72
N PHE A 19 -2.02 4.60 12.68
CA PHE A 19 -1.28 5.22 13.76
C PHE A 19 -1.80 4.68 15.09
N ARG A 20 -0.90 4.13 15.90
CA ARG A 20 -1.25 3.65 17.22
C ARG A 20 -1.37 4.84 18.14
N LYS A 21 -2.44 4.85 18.94
CA LYS A 21 -2.70 5.97 19.85
C LYS A 21 -1.76 6.01 21.03
N SER A 22 -1.51 4.85 21.62
CA SER A 22 -0.77 4.76 22.87
C SER A 22 -0.04 3.42 22.92
N PRO A 23 1.30 3.43 22.81
CA PRO A 23 2.16 4.57 22.53
C PRO A 23 1.91 5.13 21.13
N GLN A 24 2.17 6.41 20.94
CA GLN A 24 2.02 7.04 19.61
C GLN A 24 3.11 6.56 18.66
N GLU A 25 2.73 5.81 17.64
CA GLU A 25 3.72 5.27 16.72
C GLU A 25 3.07 4.79 15.43
N LEU A 26 3.90 4.64 14.40
CA LEU A 26 3.46 4.09 13.12
C LEU A 26 3.15 2.62 13.32
N LEU A 27 1.97 2.20 12.90
CA LEU A 27 1.58 0.79 12.94
C LEU A 27 1.80 0.15 11.57
N CYS A 28 1.37 0.83 10.52
CA CYS A 28 1.32 0.23 9.21
C CYS A 28 0.94 1.29 8.20
N GLY A 29 1.07 0.93 6.93
CA GLY A 29 0.44 1.69 5.87
C GLY A 29 -0.94 1.12 5.56
N ALA A 30 -1.61 1.80 4.64
CA ALA A 30 -2.97 1.49 4.25
C ALA A 30 -3.29 2.39 3.05
N SER A 31 -4.49 2.24 2.49
CA SER A 31 -4.88 3.05 1.33
C SER A 31 -6.34 3.44 1.41
N LEU A 32 -6.64 4.59 0.81
CA LEU A 32 -7.99 5.12 0.74
C LEU A 32 -8.68 4.65 -0.53
N ILE A 33 -9.79 3.94 -0.39
CA ILE A 33 -10.51 3.42 -1.55
C ILE A 33 -11.87 4.07 -1.78
N SER A 34 -12.35 4.85 -0.81
CA SER A 34 -13.53 5.69 -0.99
C SER A 34 -13.51 6.70 0.15
N ASP A 35 -14.54 7.54 0.27
CA ASP A 35 -14.53 8.53 1.36
C ASP A 35 -14.72 7.89 2.74
N ARG A 36 -15.05 6.60 2.82
CA ARG A 36 -15.33 5.97 4.11
C ARG A 36 -14.58 4.67 4.36
N TRP A 37 -13.86 4.18 3.36
CA TRP A 37 -13.21 2.87 3.47
C TRP A 37 -11.71 2.92 3.19
N VAL A 38 -10.99 2.20 4.05
CA VAL A 38 -9.53 2.12 3.98
C VAL A 38 -9.15 0.63 3.90
N LEU A 39 -8.21 0.33 3.02
CA LEU A 39 -7.74 -1.02 2.80
C LEU A 39 -6.35 -1.20 3.41
N THR A 40 -6.12 -2.33 4.06
CA THR A 40 -4.80 -2.62 4.64
C THR A 40 -4.55 -4.13 4.66
N ALA A 41 -3.44 -4.53 5.25
CA ALA A 41 -3.12 -5.94 5.45
C ALA A 41 -3.75 -6.42 6.74
N ALA A 42 -4.31 -7.63 6.73
CA ALA A 42 -4.85 -8.22 7.95
C ALA A 42 -3.80 -8.30 9.06
N HIS A 43 -2.55 -8.60 8.71
CA HIS A 43 -1.54 -8.79 9.74
C HIS A 43 -1.18 -7.51 10.47
N CYS A 44 -1.58 -6.36 9.91
CA CYS A 44 -1.43 -5.09 10.60
C CYS A 44 -2.30 -4.99 11.83
N LEU A 45 -3.41 -5.73 11.81
CA LEU A 45 -4.40 -5.70 12.88
C LEU A 45 -4.39 -6.98 13.73
N LEU A 46 -4.08 -8.12 13.12
CA LEU A 46 -4.16 -9.41 13.79
C LEU A 46 -2.97 -10.26 13.40
N TYR A 47 -2.08 -10.49 14.36
CA TYR A 47 -0.96 -11.40 14.13
C TYR A 47 -0.56 -12.00 15.46
N PRO A 48 -1.23 -13.10 15.85
CA PRO A 48 -1.00 -13.71 17.16
C PRO A 48 0.44 -14.11 17.47
N PRO A 49 1.25 -14.53 16.48
CA PRO A 49 2.63 -14.87 16.83
C PRO A 49 3.42 -13.72 17.45
N TRP A 50 3.00 -12.49 17.18
CA TRP A 50 3.63 -11.29 17.74
C TRP A 50 2.72 -10.59 18.76
N ASP A 51 1.70 -11.29 19.23
CA ASP A 51 0.77 -10.76 20.22
C ASP A 51 0.08 -9.48 19.73
N LYS A 52 -0.20 -9.44 18.44
CA LYS A 52 -0.85 -8.28 17.82
C LYS A 52 -2.35 -8.60 17.62
N ASN A 53 -3.21 -7.80 18.25
CA ASN A 53 -4.65 -7.92 18.08
C ASN A 53 -5.29 -6.60 18.40
N PHE A 54 -5.25 -5.67 17.45
CA PHE A 54 -5.77 -4.34 17.68
C PHE A 54 -7.29 -4.28 17.51
N THR A 55 -7.93 -3.44 18.32
CA THR A 55 -9.35 -3.16 18.18
C THR A 55 -9.49 -1.75 17.59
N GLU A 56 -10.71 -1.41 17.16
CA GLU A 56 -10.96 -0.12 16.53
C GLU A 56 -10.44 1.05 17.34
N ASN A 57 -10.60 1.00 18.66
CA ASN A 57 -10.27 2.15 19.48
C ASN A 57 -8.78 2.32 19.78
N ASP A 58 -7.98 1.35 19.37
CA ASP A 58 -6.55 1.42 19.59
C ASP A 58 -5.87 2.32 18.56
N LEU A 59 -6.56 2.62 17.47
CA LEU A 59 -5.92 3.14 16.25
C LEU A 59 -6.57 4.39 15.71
N LEU A 60 -5.77 5.13 14.97
CA LEU A 60 -6.24 6.25 14.15
C LEU A 60 -5.74 6.06 12.72
N VAL A 61 -6.49 6.63 11.78
CA VAL A 61 -6.11 6.70 10.38
C VAL A 61 -5.72 8.14 10.07
N ARG A 62 -4.52 8.33 9.53
CA ARG A 62 -4.03 9.66 9.14
C ARG A 62 -3.84 9.70 7.63
N ILE A 63 -4.54 10.63 7.00
CA ILE A 63 -4.69 10.64 5.56
C ILE A 63 -4.19 11.98 5.04
N GLY A 64 -3.57 12.00 3.87
CA GLY A 64 -3.04 13.24 3.32
C GLY A 64 -1.62 13.53 3.76
N LYS A 65 -0.95 12.57 4.40
CA LYS A 65 0.36 12.84 4.98
C LYS A 65 1.51 12.77 3.98
N HIS A 66 2.59 13.44 4.35
CA HIS A 66 3.85 13.39 3.65
C HIS A 66 4.97 13.17 4.66
N SER A 67 5.14 14.11 5.58
CA SER A 67 6.05 13.91 6.69
C SER A 67 5.64 12.70 7.53
N ARG A 68 6.61 11.90 7.98
CA ARG A 68 6.32 10.75 8.84
C ARG A 68 5.83 11.20 10.21
N THR A 69 6.58 12.08 10.86
CA THR A 69 6.37 12.34 12.29
C THR A 69 5.64 13.63 12.61
N ARG A 70 5.65 14.58 11.67
N ARG A 70 5.64 14.57 11.70
CA ARG A 70 5.03 15.88 11.88
CA ARG A 70 5.10 15.87 12.03
C ARG A 70 3.52 15.78 11.90
C ARG A 70 3.58 15.89 11.83
N TYR A 71 2.88 16.65 12.68
CA TYR A 71 1.44 16.85 12.54
C TYR A 71 1.26 17.90 11.44
N GLU A 72 0.75 17.47 10.30
CA GLU A 72 0.70 18.31 9.13
C GLU A 72 -0.58 19.12 9.09
N ARG A 73 -0.58 20.15 9.93
CA ARG A 73 -1.72 21.00 10.13
C ARG A 73 -2.23 21.57 8.80
N ASN A 74 -3.55 21.54 8.65
CA ASN A 74 -4.27 22.04 7.46
C ASN A 74 -4.12 21.19 6.19
N ILE A 75 -3.42 20.06 6.32
CA ILE A 75 -3.18 19.14 5.20
C ILE A 75 -3.68 17.75 5.52
N GLU A 76 -3.11 17.11 6.54
CA GLU A 76 -3.57 15.78 6.89
C GLU A 76 -4.92 15.86 7.59
N LYS A 77 -5.66 14.76 7.51
CA LYS A 77 -6.90 14.59 8.24
C LYS A 77 -6.82 13.30 9.01
N ILE A 78 -7.29 13.34 10.24
CA ILE A 78 -7.22 12.21 11.15
C ILE A 78 -8.64 11.67 11.39
N SER A 79 -8.81 10.38 11.15
CA SER A 79 -10.10 9.72 11.27
C SER A 79 -10.10 8.60 12.29
N MET A 80 -11.23 8.42 12.96
CA MET A 80 -11.44 7.31 13.87
C MET A 80 -12.10 6.15 13.12
N LEU A 81 -11.90 4.95 13.62
CA LEU A 81 -12.45 3.75 13.01
C LEU A 81 -13.81 3.38 13.59
N GLU A 82 -14.76 3.09 12.71
CA GLU A 82 -16.04 2.54 13.10
C GLU A 82 -15.94 1.03 13.25
N LYS A 83 -15.34 0.37 12.27
CA LYS A 83 -15.28 -1.09 12.29
C LYS A 83 -14.16 -1.63 11.42
N ILE A 84 -13.52 -2.68 11.92
CA ILE A 84 -12.52 -3.48 11.22
C ILE A 84 -13.16 -4.75 10.71
N TYR A 85 -12.84 -5.12 9.46
CA TYR A 85 -13.24 -6.39 8.86
C TYR A 85 -12.00 -7.10 8.34
N ILE A 86 -11.69 -8.25 8.92
CA ILE A 86 -10.57 -9.07 8.48
C ILE A 86 -11.10 -10.22 7.64
N HIS A 87 -10.38 -10.56 6.56
CA HIS A 87 -10.81 -11.66 5.73
C HIS A 87 -10.99 -12.92 6.60
N PRO A 88 -12.14 -13.60 6.48
CA PRO A 88 -12.42 -14.77 7.33
C PRO A 88 -11.51 -15.95 7.12
N ARG A 89 -10.81 -16.00 6.00
CA ARG A 89 -9.88 -17.10 5.71
C ARG A 89 -8.42 -16.60 5.67
N TYR A 90 -8.17 -15.45 6.27
CA TYR A 90 -6.80 -14.96 6.50
C TYR A 90 -6.02 -16.01 7.27
N ASN A 91 -4.90 -16.43 6.70
CA ASN A 91 -4.09 -17.53 7.25
C ASN A 91 -2.84 -16.98 7.92
N TRP A 92 -2.98 -16.55 9.17
CA TRP A 92 -1.84 -16.05 9.93
C TRP A 92 -0.97 -17.18 10.44
N ARG A 93 -1.53 -18.39 10.47
CA ARG A 93 -0.81 -19.52 11.07
C ARG A 93 0.35 -19.98 10.22
N GLU A 94 0.16 -19.95 8.90
CA GLU A 94 1.11 -20.55 7.96
C GLU A 94 1.89 -19.53 7.13
N ASN A 95 1.19 -18.84 6.22
CA ASN A 95 1.87 -18.10 5.16
C ASN A 95 1.28 -16.74 4.81
N LEU A 96 0.38 -16.23 5.65
CA LEU A 96 -0.29 -14.95 5.43
C LEU A 96 -1.16 -14.94 4.16
N ASP A 97 -1.67 -16.10 3.78
CA ASP A 97 -2.64 -16.17 2.69
C ASP A 97 -3.85 -15.29 3.01
N ARG A 98 -4.30 -14.53 2.01
CA ARG A 98 -5.45 -13.64 2.13
C ARG A 98 -5.21 -12.55 3.18
N ASP A 99 -4.05 -11.91 3.06
CA ASP A 99 -3.62 -10.89 4.02
C ASP A 99 -4.28 -9.55 3.66
N ILE A 100 -5.53 -9.42 4.09
CA ILE A 100 -6.33 -8.27 3.69
C ILE A 100 -7.35 -7.94 4.77
N ALA A 101 -7.58 -6.64 4.97
CA ALA A 101 -8.56 -6.16 5.92
C ALA A 101 -9.09 -4.82 5.43
N LEU A 102 -10.33 -4.53 5.80
CA LEU A 102 -10.96 -3.26 5.51
C LEU A 102 -11.25 -2.55 6.83
N MET A 103 -11.21 -1.22 6.78
CA MET A 103 -11.59 -0.39 7.92
C MET A 103 -12.59 0.64 7.44
N LYS A 104 -13.75 0.68 8.12
CA LYS A 104 -14.73 1.72 7.85
C LYS A 104 -14.53 2.88 8.81
N LEU A 105 -14.45 4.10 8.26
CA LEU A 105 -14.26 5.29 9.09
C LEU A 105 -15.56 5.74 9.70
N LYS A 106 -15.49 6.39 10.86
CA LYS A 106 -16.68 6.89 11.52
C LYS A 106 -17.39 7.95 10.70
N LYS A 107 -16.60 8.78 10.01
CA LYS A 107 -17.14 9.87 9.21
C LYS A 107 -16.40 9.95 7.89
N PRO A 108 -17.07 10.42 6.83
CA PRO A 108 -16.38 10.52 5.54
C PRO A 108 -15.25 11.53 5.59
N VAL A 109 -14.15 11.24 4.89
CA VAL A 109 -13.05 12.19 4.80
C VAL A 109 -13.27 13.08 3.59
N ALA A 110 -12.97 14.37 3.74
CA ALA A 110 -13.06 15.30 2.62
C ALA A 110 -11.85 15.14 1.72
N PHE A 111 -12.11 15.00 0.42
CA PHE A 111 -11.02 14.93 -0.55
C PHE A 111 -10.39 16.31 -0.73
N SER A 112 -9.13 16.31 -1.14
CA SER A 112 -8.37 17.54 -1.34
C SER A 112 -7.24 17.25 -2.32
N ASP A 113 -6.33 18.20 -2.53
CA ASP A 113 -5.18 17.97 -3.37
C ASP A 113 -4.32 16.82 -2.85
N TYR A 114 -4.42 16.55 -1.55
CA TYR A 114 -3.56 15.59 -0.85
C TYR A 114 -4.26 14.28 -0.47
N ILE A 115 -5.57 14.24 -0.67
CA ILE A 115 -6.42 13.14 -0.22
C ILE A 115 -7.36 12.76 -1.36
N HIS A 116 -7.20 11.55 -1.89
CA HIS A 116 -7.98 11.11 -3.04
C HIS A 116 -7.89 9.61 -3.14
N PRO A 117 -9.00 8.92 -3.46
CA PRO A 117 -8.96 7.45 -3.49
C PRO A 117 -8.30 6.87 -4.74
N VAL A 118 -7.73 5.67 -4.54
CA VAL A 118 -7.18 4.86 -5.61
C VAL A 118 -8.28 3.96 -6.15
N CYS A 119 -8.16 3.53 -7.40
CA CYS A 119 -9.10 2.56 -7.96
C CYS A 119 -8.73 1.13 -7.56
N LEU A 120 -9.74 0.27 -7.46
CA LEU A 120 -9.52 -1.15 -7.34
C LEU A 120 -9.69 -1.78 -8.71
N PRO A 121 -8.88 -2.78 -9.04
CA PRO A 121 -8.89 -3.36 -10.38
C PRO A 121 -10.11 -4.22 -10.66
N ASP A 122 -10.56 -4.21 -11.91
CA ASP A 122 -11.46 -5.26 -12.35
C ASP A 122 -10.66 -6.36 -13.02
N ARG A 123 -11.34 -7.43 -13.43
CA ARG A 123 -10.65 -8.59 -13.97
C ARG A 123 -9.77 -8.23 -15.16
N GLU A 124 -10.28 -7.37 -16.03
CA GLU A 124 -9.58 -7.03 -17.25
C GLU A 124 -8.29 -6.23 -16.99
N THR A 125 -8.37 -5.27 -16.10
CA THR A 125 -7.20 -4.46 -15.77
C THR A 125 -6.16 -5.37 -15.10
N ALA A 126 -6.62 -6.26 -14.23
CA ALA A 126 -5.71 -7.22 -13.59
C ALA A 126 -5.03 -8.11 -14.60
N ALA A 127 -5.79 -8.64 -15.54
CA ALA A 127 -5.23 -9.54 -16.54
C ALA A 127 -4.18 -8.84 -17.38
N SER A 128 -4.47 -7.61 -17.77
N SER A 128 -4.46 -7.60 -17.76
CA SER A 128 -3.57 -6.84 -18.63
CA SER A 128 -3.57 -6.85 -18.64
C SER A 128 -2.27 -6.45 -17.95
C SER A 128 -2.28 -6.41 -17.96
N LEU A 129 -2.35 -6.08 -16.68
CA LEU A 129 -1.23 -5.46 -15.99
C LEU A 129 -0.42 -6.38 -15.08
N LEU A 130 -1.02 -7.44 -14.56
CA LEU A 130 -0.30 -8.32 -13.63
C LEU A 130 0.51 -9.34 -14.37
N GLN A 131 1.59 -8.88 -14.98
CA GLN A 131 2.46 -9.69 -15.81
C GLN A 131 3.88 -9.49 -15.39
N ALA A 132 4.67 -10.57 -15.46
CA ALA A 132 6.07 -10.50 -15.08
C ALA A 132 6.75 -9.42 -15.90
N GLY A 133 7.55 -8.60 -15.22
CA GLY A 133 8.27 -7.52 -15.87
C GLY A 133 7.57 -6.18 -15.75
N TYR A 134 6.25 -6.20 -15.67
CA TYR A 134 5.50 -4.95 -15.53
C TYR A 134 5.77 -4.38 -14.14
N LYS A 135 5.98 -3.08 -14.06
CA LYS A 135 6.35 -2.45 -12.80
C LYS A 135 5.16 -1.81 -12.10
N GLY A 136 5.14 -1.92 -10.78
CA GLY A 136 4.26 -1.14 -9.94
C GLY A 136 5.07 -0.30 -9.00
N ARG A 137 4.34 0.36 -8.12
CA ARG A 137 4.92 1.35 -7.23
C ARG A 137 4.45 1.09 -5.80
N VAL A 138 5.39 1.10 -4.87
CA VAL A 138 5.14 0.82 -3.46
C VAL A 138 5.55 2.06 -2.68
N THR A 139 4.73 2.42 -1.70
CA THR A 139 4.95 3.62 -0.91
C THR A 139 4.78 3.32 0.56
N GLY A 140 5.53 4.03 1.40
CA GLY A 140 5.37 3.87 2.82
C GLY A 140 6.39 4.63 3.64
N TRP A 141 6.17 4.59 4.95
CA TRP A 141 7.03 5.28 5.91
C TRP A 141 7.84 4.28 6.74
N GLY A 142 7.95 3.05 6.26
CA GLY A 142 8.69 2.03 6.98
C GLY A 142 10.19 2.23 6.91
N ASN A 143 10.92 1.29 7.49
CA ASN A 143 12.36 1.43 7.62
C ASN A 143 13.09 1.54 6.29
N LEU A 144 14.18 2.30 6.30
CA LEU A 144 14.99 2.51 5.12
C LEU A 144 15.98 1.36 4.92
N LYS A 145 16.14 0.53 5.93
CA LYS A 145 17.09 -0.59 5.88
C LYS A 145 16.58 -1.69 6.81
N GLU A 146 16.95 -2.93 6.51
CA GLU A 146 16.51 -4.05 7.31
C GLU A 146 17.00 -3.95 8.76
N THR A 147 18.24 -3.55 8.95
CA THR A 147 18.87 -3.52 10.27
C THR A 147 19.63 -2.21 10.47
N GLY A 155 17.96 5.21 9.15
CA GLY A 155 17.07 4.19 9.66
C GLY A 155 15.62 4.43 9.27
N GLN A 156 15.08 5.57 9.68
CA GLN A 156 13.67 5.89 9.43
C GLN A 156 13.50 7.18 8.64
N PRO A 157 12.51 7.24 7.74
CA PRO A 157 12.47 8.39 6.83
C PRO A 157 11.79 9.63 7.40
N SER A 158 12.22 10.81 6.94
CA SER A 158 11.52 12.06 7.26
C SER A 158 10.19 12.15 6.55
N VAL A 159 10.12 11.69 5.29
CA VAL A 159 8.91 11.79 4.51
C VAL A 159 8.62 10.48 3.78
N LEU A 160 7.40 10.39 3.28
CA LEU A 160 6.93 9.22 2.55
C LEU A 160 7.93 8.82 1.46
N GLN A 161 8.18 7.52 1.37
CA GLN A 161 9.13 6.98 0.39
C GLN A 161 8.40 6.22 -0.71
N VAL A 162 9.03 6.18 -1.87
N VAL A 162 9.01 6.20 -1.88
CA VAL A 162 8.48 5.57 -3.07
CA VAL A 162 8.42 5.55 -3.05
C VAL A 162 9.54 4.70 -3.73
C VAL A 162 9.48 4.76 -3.81
N VAL A 163 9.11 3.58 -4.28
CA VAL A 163 9.98 2.75 -5.10
C VAL A 163 9.14 2.03 -6.15
N ASN A 164 9.68 1.95 -7.36
CA ASN A 164 9.02 1.23 -8.45
C ASN A 164 9.71 -0.12 -8.59
N LEU A 165 8.94 -1.21 -8.71
CA LEU A 165 9.49 -2.56 -8.71
C LEU A 165 8.76 -3.43 -9.72
N PRO A 166 9.51 -4.29 -10.42
CA PRO A 166 8.88 -5.18 -11.40
C PRO A 166 8.24 -6.42 -10.77
N ILE A 167 7.07 -6.79 -11.28
CA ILE A 167 6.44 -8.06 -10.94
C ILE A 167 7.35 -9.20 -11.43
N VAL A 168 7.46 -10.26 -10.64
CA VAL A 168 8.38 -11.36 -10.91
C VAL A 168 7.59 -12.60 -11.30
N GLU A 169 8.19 -13.40 -12.18
CA GLU A 169 7.58 -14.64 -12.63
C GLU A 169 7.30 -15.56 -11.44
N ARG A 170 6.15 -16.21 -11.44
N ARG A 170 6.14 -16.21 -11.44
CA ARG A 170 5.74 -17.00 -10.29
CA ARG A 170 5.72 -17.01 -10.30
C ARG A 170 6.71 -18.12 -9.90
C ARG A 170 6.71 -18.11 -9.91
N PRO A 171 7.31 -18.82 -10.88
CA PRO A 171 8.31 -19.83 -10.48
C PRO A 171 9.51 -19.24 -9.73
N VAL A 172 9.92 -18.03 -10.09
CA VAL A 172 11.03 -17.38 -9.42
C VAL A 172 10.61 -16.98 -8.01
N CYS A 173 9.41 -16.46 -7.85
CA CYS A 173 8.87 -16.18 -6.54
C CYS A 173 8.91 -17.44 -5.65
N LYS A 174 8.39 -18.52 -6.18
CA LYS A 174 8.33 -19.77 -5.42
C LYS A 174 9.70 -20.29 -5.04
N ASP A 175 10.63 -20.20 -5.98
CA ASP A 175 11.98 -20.74 -5.78
C ASP A 175 12.85 -19.87 -4.86
N SER A 176 12.35 -18.71 -4.46
CA SER A 176 13.10 -17.80 -3.59
C SER A 176 12.86 -18.05 -2.11
N THR A 177 11.93 -18.97 -1.79
CA THR A 177 11.47 -19.11 -0.42
C THR A 177 11.07 -20.55 -0.12
N ARG A 178 11.05 -20.90 1.17
CA ARG A 178 10.53 -22.19 1.60
C ARG A 178 9.04 -22.09 1.96
N ILE A 179 8.50 -20.88 1.99
CA ILE A 179 7.09 -20.68 2.29
C ILE A 179 6.24 -21.11 1.10
N ARG A 180 5.09 -21.70 1.38
CA ARG A 180 4.13 -22.05 0.35
C ARG A 180 3.44 -20.78 -0.17
N ILE A 181 3.67 -20.47 -1.44
CA ILE A 181 3.04 -19.31 -2.07
C ILE A 181 1.69 -19.75 -2.62
N THR A 182 0.73 -18.83 -2.60
CA THR A 182 -0.61 -19.10 -3.11
C THR A 182 -0.97 -18.15 -4.24
N ASP A 183 -2.06 -18.46 -4.92
CA ASP A 183 -2.57 -17.60 -5.98
C ASP A 183 -3.07 -16.24 -5.48
N ASN A 184 -3.21 -16.10 -4.16
CA ASN A 184 -3.63 -14.82 -3.57
C ASN A 184 -2.46 -13.90 -3.26
N MET A 185 -1.28 -14.26 -3.75
CA MET A 185 -0.05 -13.49 -3.58
C MET A 185 0.62 -13.32 -4.92
N PHE A 186 1.37 -12.24 -5.08
CA PHE A 186 2.34 -12.13 -6.16
C PHE A 186 3.61 -11.53 -5.55
N CYS A 187 4.73 -11.67 -6.23
CA CYS A 187 5.97 -11.06 -5.69
C CYS A 187 6.55 -10.08 -6.70
N ALA A 188 7.36 -9.16 -6.17
CA ALA A 188 7.95 -8.12 -6.97
C ALA A 188 9.32 -7.74 -6.41
N GLY A 189 10.15 -7.21 -7.28
CA GLY A 189 11.51 -6.84 -6.92
C GLY A 189 12.48 -7.18 -8.03
N TYR A 190 13.68 -6.61 -7.96
CA TYR A 190 14.71 -6.91 -8.94
C TYR A 190 15.47 -8.19 -8.57
N LYS A 191 15.98 -8.85 -9.59
CA LYS A 191 16.83 -10.02 -9.40
C LYS A 191 18.26 -9.56 -9.11
N PRO A 192 19.08 -10.43 -8.51
CA PRO A 192 20.47 -10.05 -8.22
C PRO A 192 21.21 -9.50 -9.45
N ASP A 193 20.96 -10.08 -10.63
CA ASP A 193 21.70 -9.71 -11.84
C ASP A 193 21.22 -8.42 -12.49
N GLU A 194 20.11 -7.87 -12.00
CA GLU A 194 19.49 -6.71 -12.64
C GLU A 194 20.09 -5.38 -12.18
N GLY A 195 20.90 -5.40 -11.12
CA GLY A 195 21.57 -4.20 -10.65
C GLY A 195 20.74 -3.30 -9.73
N LYS A 196 19.60 -2.82 -10.24
CA LYS A 196 18.72 -1.98 -9.44
C LYS A 196 18.19 -2.79 -8.26
N ARG A 197 17.73 -2.10 -7.23
CA ARG A 197 17.19 -2.80 -6.08
C ARG A 197 16.04 -2.01 -5.47
N GLY A 198 15.63 -2.39 -4.27
CA GLY A 198 14.46 -1.81 -3.63
C GLY A 198 13.50 -2.85 -3.09
N ASP A 199 12.79 -2.49 -2.03
CA ASP A 199 11.86 -3.41 -1.37
C ASP A 199 11.08 -2.62 -0.35
N ALA A 200 9.96 -3.20 0.08
CA ALA A 200 9.29 -2.73 1.29
C ALA A 200 10.06 -3.22 2.50
N CYS A 201 9.72 -2.69 3.67
CA CYS A 201 10.34 -3.14 4.91
C CYS A 201 9.39 -2.92 6.09
N GLU A 202 9.87 -3.18 7.31
CA GLU A 202 9.04 -3.01 8.51
C GLU A 202 8.42 -1.63 8.54
N GLY A 203 7.10 -1.59 8.70
CA GLY A 203 6.35 -0.36 8.77
C GLY A 203 5.62 -0.05 7.48
N ASP A 204 6.05 -0.65 6.37
CA ASP A 204 5.39 -0.48 5.07
C ASP A 204 4.20 -1.40 4.89
N SER A 205 4.14 -2.46 5.71
CA SER A 205 3.02 -3.40 5.73
C SER A 205 1.68 -2.70 5.55
N GLY A 206 0.82 -3.26 4.72
CA GLY A 206 -0.53 -2.76 4.54
C GLY A 206 -0.66 -1.66 3.53
N GLY A 207 0.45 -1.08 3.08
CA GLY A 207 0.41 -0.05 2.07
C GLY A 207 0.20 -0.61 0.69
N PRO A 208 0.05 0.29 -0.27
CA PRO A 208 -0.38 -0.14 -1.61
C PRO A 208 0.77 -0.39 -2.59
N PHE A 209 0.55 -1.37 -3.47
CA PHE A 209 1.32 -1.60 -4.69
C PHE A 209 0.37 -1.16 -5.81
N VAL A 210 0.73 -0.07 -6.49
CA VAL A 210 -0.14 0.53 -7.51
C VAL A 210 0.48 0.49 -8.89
N MET A 211 -0.38 0.49 -9.91
CA MET A 211 0.03 0.53 -11.29
C MET A 211 -0.84 1.58 -11.99
N LYS A 212 -0.25 2.28 -12.95
CA LYS A 212 -0.99 3.27 -13.71
C LYS A 212 -1.45 2.66 -15.02
N SER A 213 -2.74 2.47 -15.18
CA SER A 213 -3.23 1.86 -16.40
C SER A 213 -2.89 2.69 -17.63
N PRO A 214 -2.28 2.07 -18.65
CA PRO A 214 -2.00 2.82 -19.88
C PRO A 214 -3.24 2.96 -20.78
N PHE A 215 -4.32 2.29 -20.41
CA PHE A 215 -5.56 2.33 -21.17
C PHE A 215 -6.41 3.53 -20.78
N ASN A 216 -6.47 3.86 -19.49
CA ASN A 216 -7.33 4.97 -19.04
C ASN A 216 -6.64 5.98 -18.13
N ASN A 217 -5.33 5.82 -17.97
N ASN A 217 -5.35 5.78 -17.92
CA ASN A 217 -4.50 6.75 -17.19
CA ASN A 217 -4.50 6.72 -17.21
C ASN A 217 -4.93 6.94 -15.74
C ASN A 217 -4.86 6.90 -15.73
N ARG A 218 -5.52 5.90 -15.17
CA ARG A 218 -5.85 5.87 -13.74
C ARG A 218 -4.95 4.91 -12.97
N TRP A 219 -4.71 5.27 -11.73
CA TRP A 219 -3.98 4.40 -10.80
C TRP A 219 -4.90 3.37 -10.15
N TYR A 220 -4.42 2.13 -10.19
CA TYR A 220 -5.08 0.97 -9.62
C TYR A 220 -4.22 0.32 -8.55
N GLN A 221 -4.85 -0.07 -7.46
CA GLN A 221 -4.14 -0.81 -6.43
C GLN A 221 -4.21 -2.32 -6.69
N MET A 222 -3.10 -2.88 -7.14
CA MET A 222 -3.03 -4.28 -7.48
C MET A 222 -2.61 -5.15 -6.30
N GLY A 223 -1.86 -4.57 -5.36
CA GLY A 223 -1.31 -5.34 -4.26
C GLY A 223 -1.36 -4.59 -2.95
N ILE A 224 -1.18 -5.37 -1.87
CA ILE A 224 -1.01 -4.84 -0.53
C ILE A 224 0.32 -5.38 -0.01
N VAL A 225 1.16 -4.51 0.54
CA VAL A 225 2.42 -4.94 1.14
C VAL A 225 2.15 -5.96 2.23
N SER A 226 2.65 -7.19 2.03
CA SER A 226 2.34 -8.31 2.90
C SER A 226 3.56 -8.88 3.64
N TRP A 227 4.50 -9.47 2.92
CA TRP A 227 5.62 -10.12 3.63
C TRP A 227 6.86 -10.23 2.78
N GLY A 228 8.01 -10.38 3.47
CA GLY A 228 9.28 -10.58 2.81
C GLY A 228 10.15 -11.42 3.71
N GLU A 229 11.38 -11.64 3.28
CA GLU A 229 12.37 -12.33 4.11
C GLU A 229 13.53 -11.37 4.26
N GLY A 230 13.50 -10.62 5.35
CA GLY A 230 14.37 -9.47 5.48
C GLY A 230 13.81 -8.35 4.61
N CYS A 231 14.66 -7.39 4.27
CA CYS A 231 14.29 -6.29 3.39
C CYS A 231 15.41 -6.09 2.38
N ASP A 232 15.06 -6.07 1.10
CA ASP A 232 15.97 -5.81 0.00
C ASP A 232 17.15 -6.77 -0.02
N ARG A 233 16.91 -8.03 0.31
CA ARG A 233 17.99 -9.03 0.26
C ARG A 233 18.14 -9.56 -1.16
N ASP A 234 19.36 -9.77 -1.60
CA ASP A 234 19.59 -10.40 -2.88
C ASP A 234 18.94 -11.78 -2.91
N GLY A 235 18.17 -12.03 -3.96
CA GLY A 235 17.54 -13.32 -4.17
C GLY A 235 16.23 -13.50 -3.45
N LYS A 236 15.82 -12.50 -2.67
CA LYS A 236 14.52 -12.50 -2.02
C LYS A 236 13.65 -11.47 -2.74
N TYR A 237 12.35 -11.57 -2.51
CA TYR A 237 11.37 -10.69 -3.13
C TYR A 237 10.35 -10.29 -2.09
N GLY A 238 9.66 -9.18 -2.37
CA GLY A 238 8.54 -8.79 -1.56
C GLY A 238 7.29 -9.48 -2.08
N PHE A 239 6.42 -9.88 -1.16
CA PHE A 239 5.16 -10.53 -1.49
C PHE A 239 4.00 -9.63 -1.11
N TYR A 240 3.04 -9.58 -2.04
CA TYR A 240 1.92 -8.66 -2.01
C TYR A 240 0.62 -9.43 -2.13
N THR A 241 -0.36 -9.03 -1.34
CA THR A 241 -1.71 -9.57 -1.46
C THR A 241 -2.28 -9.20 -2.82
N HIS A 242 -2.85 -10.19 -3.50
CA HIS A 242 -3.43 -10.03 -4.84
C HIS A 242 -4.85 -9.46 -4.69
N VAL A 243 -4.96 -8.15 -4.82
CA VAL A 243 -6.21 -7.46 -4.52
C VAL A 243 -7.37 -7.95 -5.40
N PHE A 244 -7.13 -8.08 -6.70
CA PHE A 244 -8.22 -8.52 -7.54
C PHE A 244 -8.77 -9.89 -7.12
N ARG A 245 -7.88 -10.83 -6.76
CA ARG A 245 -8.33 -12.16 -6.37
C ARG A 245 -9.25 -12.16 -5.15
N LEU A 246 -9.17 -11.11 -4.34
CA LEU A 246 -9.97 -11.00 -3.12
C LEU A 246 -11.06 -9.91 -3.25
N LYS A 247 -11.30 -9.44 -4.46
CA LYS A 247 -12.23 -8.34 -4.65
C LYS A 247 -13.69 -8.71 -4.36
N LYS A 248 -14.06 -9.97 -4.56
CA LYS A 248 -15.43 -10.37 -4.28
C LYS A 248 -15.71 -10.19 -2.79
N TRP A 249 -14.73 -10.52 -1.96
CA TRP A 249 -14.86 -10.33 -0.52
C TRP A 249 -14.95 -8.83 -0.20
N ILE A 250 -14.08 -8.04 -0.80
CA ILE A 250 -14.12 -6.59 -0.59
C ILE A 250 -15.51 -6.06 -0.91
N GLN A 251 -16.03 -6.46 -2.06
CA GLN A 251 -17.32 -5.93 -2.48
C GLN A 251 -18.45 -6.42 -1.58
N LYS A 252 -18.34 -7.66 -1.09
CA LYS A 252 -19.34 -8.21 -0.19
C LYS A 252 -19.39 -7.38 1.09
N VAL A 253 -18.22 -7.04 1.62
CA VAL A 253 -18.16 -6.27 2.86
C VAL A 253 -18.73 -4.88 2.68
N ILE A 254 -18.33 -4.21 1.60
CA ILE A 254 -18.80 -2.86 1.38
C ILE A 254 -20.30 -2.86 1.08
N ASP A 255 -20.79 -3.87 0.34
CA ASP A 255 -22.21 -3.95 0.00
C ASP A 255 -23.06 -4.23 1.24
N GLN A 256 -22.50 -4.99 2.17
CA GLN A 256 -23.24 -5.44 3.34
C GLN A 256 -23.23 -4.39 4.45
N PHE A 257 -22.11 -3.68 4.58
CA PHE A 257 -21.90 -2.78 5.71
C PHE A 257 -21.79 -1.32 5.31
N GLY A 258 -21.79 -0.96 4.13
N ASP B 2 8.92 10.04 19.04
CA ASP B 2 9.49 10.74 17.90
C ASP B 2 8.40 11.48 17.14
N PHE B 3 7.15 11.13 17.43
CA PHE B 3 6.02 11.75 16.75
C PHE B 3 5.55 13.04 17.43
N GLU B 4 5.29 14.05 16.61
CA GLU B 4 4.72 15.30 17.10
C GLU B 4 3.32 15.04 17.62
N GLU B 5 2.98 15.67 18.74
CA GLU B 5 1.67 15.51 19.35
C GLU B 5 0.57 15.90 18.37
N ILE B 6 -0.52 15.15 18.39
CA ILE B 6 -1.66 15.50 17.55
C ILE B 6 -2.75 16.12 18.40
N PRO B 7 -3.64 16.91 17.79
CA PRO B 7 -4.68 17.60 18.57
C PRO B 7 -5.49 16.63 19.42
N GLU B 8 -5.87 17.10 20.61
CA GLU B 8 -6.54 16.26 21.59
C GLU B 8 -7.87 15.73 21.11
N GLU B 9 -8.56 16.50 20.28
CA GLU B 9 -9.85 16.09 19.74
C GLU B 9 -9.83 14.67 19.15
N LEU B 11 -8.20 12.37 20.21
CA LEU B 11 -7.93 11.55 21.40
C LEU B 11 -6.62 10.78 21.28
N GLU C 1 -15.08 5.10 -6.79
CA GLU C 1 -15.72 6.32 -7.26
C GLU C 1 -15.36 6.58 -8.71
N ALA C 2 -16.18 7.39 -9.39
CA ALA C 2 -15.96 7.69 -10.81
C ALA C 2 -14.64 8.44 -11.03
N ASP C 3 -14.14 9.10 -9.99
CA ASP C 3 -12.93 9.91 -10.10
C ASP C 3 -11.70 9.20 -9.51
N CYS C 4 -11.82 7.92 -9.22
CA CYS C 4 -10.73 7.23 -8.52
C CYS C 4 -9.46 7.24 -9.37
N GLY C 5 -8.31 7.25 -8.70
CA GLY C 5 -7.05 7.01 -9.36
C GLY C 5 -6.52 8.16 -10.20
N LEU C 6 -7.15 9.32 -10.12
CA LEU C 6 -6.72 10.52 -10.83
C LEU C 6 -6.30 11.55 -9.81
N ARG C 7 -5.02 11.86 -9.78
CA ARG C 7 -4.46 12.69 -8.71
C ARG C 7 -4.66 14.17 -9.00
N PRO C 8 -5.16 14.92 -8.01
CA PRO C 8 -5.35 16.35 -8.22
C PRO C 8 -4.09 17.08 -8.69
N LEU C 9 -2.92 16.71 -8.20
CA LEU C 9 -1.71 17.47 -8.53
C LEU C 9 -0.96 16.92 -9.72
N PHE C 10 -1.49 15.84 -10.33
CA PHE C 10 -0.86 15.21 -11.48
C PHE C 10 -1.84 15.03 -12.63
N GLU C 11 -2.56 13.92 -12.70
CA GLU C 11 -3.46 13.67 -13.81
C GLU C 11 -4.46 14.81 -14.00
N LYS C 12 -5.01 15.35 -12.91
CA LYS C 12 -6.05 16.37 -13.08
C LYS C 12 -5.53 17.63 -13.72
N LYS C 13 -4.21 17.86 -13.63
CA LYS C 13 -3.56 19.03 -14.24
C LYS C 13 -2.71 18.67 -15.45
N SER C 14 -2.76 17.42 -15.88
CA SER C 14 -1.89 16.92 -16.93
C SER C 14 -0.39 17.17 -16.64
N LEU C 15 -0.01 16.93 -15.39
CA LEU C 15 1.39 16.92 -14.99
C LEU C 15 1.78 15.49 -14.64
N GLU C 16 3.00 15.12 -15.04
N GLU C 16 2.98 15.08 -15.06
CA GLU C 16 3.52 13.80 -14.73
CA GLU C 16 3.45 13.73 -14.71
C GLU C 16 4.46 13.86 -13.55
C GLU C 16 4.52 13.78 -13.64
N ASP C 17 4.49 12.78 -12.76
CA ASP C 17 5.46 12.68 -11.69
C ASP C 17 6.78 12.21 -12.27
N LYS C 18 7.84 12.26 -11.48
CA LYS C 18 9.18 12.08 -12.00
C LYS C 18 9.52 10.66 -12.44
N THR C 19 8.74 9.65 -12.02
CA THR C 19 9.07 8.27 -12.38
C THR C 19 7.94 7.46 -12.98
N GLU C 20 6.77 8.05 -13.20
CA GLU C 20 5.67 7.25 -13.76
C GLU C 20 5.99 6.73 -15.15
N ARG C 21 6.84 7.43 -15.87
CA ARG C 21 7.23 6.96 -17.20
C ARG C 21 7.94 5.57 -17.11
N GLU C 22 8.68 5.33 -16.03
CA GLU C 22 9.33 4.02 -15.82
C GLU C 22 8.28 2.91 -15.82
N LEU C 23 7.14 3.17 -15.20
CA LEU C 23 6.06 2.20 -15.20
C LEU C 23 5.54 1.99 -16.61
N LEU C 24 5.24 3.07 -17.32
CA LEU C 24 4.67 2.96 -18.65
C LEU C 24 5.59 2.17 -19.58
N GLU C 25 6.89 2.44 -19.47
CA GLU C 25 7.87 1.77 -20.34
C GLU C 25 7.94 0.27 -20.10
N SER C 26 7.56 -0.19 -18.91
CA SER C 26 7.57 -1.61 -18.61
C SER C 26 6.32 -2.31 -19.12
N TYR C 27 5.32 -1.55 -19.55
CA TYR C 27 4.04 -2.15 -19.95
C TYR C 27 4.14 -2.43 -21.45
N ILE C 28 4.82 -3.51 -21.79
CA ILE C 28 5.28 -3.71 -23.16
C ILE C 28 4.26 -4.42 -24.04
N ASP C 29 3.01 -4.53 -23.57
CA ASP C 29 1.91 -5.01 -24.40
C ASP C 29 0.81 -3.96 -24.52
#